data_6FQH
#
_entry.id   6FQH
#
_cell.length_a   108.107
_cell.length_b   108.107
_cell.length_c   99.080
_cell.angle_alpha   90.000
_cell.angle_beta   90.000
_cell.angle_gamma   120.000
#
_symmetry.space_group_name_H-M   'P 61'
#
loop_
_entity.id
_entity.type
_entity.pdbx_description
1 polymer 'Glutamate receptor 2,Glutamate receptor 2'
2 non-polymer 6-nitro-2,3-bis(oxidanylidene)-1,4-dihydrobenzo[f]quinoxaline-7-sulfonamide
3 water water
#
_entity_poly.entity_id   1
_entity_poly.type   'polypeptide(L)'
_entity_poly.pdbx_seq_one_letter_code
;GSAMGSGNDTSRGANKTVVVTTILESPYVMMKKNHEMLEGNERYEGYCVDLAAEIAKHCGFKYKLTIVGDGKYGARDADT
KIWNGMVGELVYGKADIAIAPLTITLVREEVIDFSKPFMSLGISIMIKKGTPIESAEDLSKQTEIAYGTLDSGSTKEFFR
RSKIAVFDKMWTYMRSAEPSVFVRTTAEGVARVRKSKGKYAYLLESTMNEYIEQRKPCDTMKVGGNLDCKGYGIATPKGS
SLGNAVNLAVLKLNEQGLLDKLKNKWWYDKGECGSG
;
_entity_poly.pdbx_strand_id   A,B
#
loop_
_chem_comp.id
_chem_comp.type
_chem_comp.name
_chem_comp.formula
E2Q non-polymer 6-nitro-2,3-bis(oxidanylidene)-1,4-dihydrobenzo[f]quinoxaline-7-sulfonamide 'C12 H8 N4 O6 S'
#
# COMPACT_ATOMS: atom_id res chain seq x y z
N LYS A 16 6.13 -34.95 -3.87
CA LYS A 16 7.12 -34.05 -3.29
C LYS A 16 7.39 -32.88 -4.20
N THR A 17 7.43 -33.06 -5.52
CA THR A 17 7.73 -31.91 -6.39
C THR A 17 6.56 -30.93 -6.40
N VAL A 18 6.85 -29.69 -6.04
CA VAL A 18 5.85 -28.61 -5.92
C VAL A 18 5.55 -28.08 -7.32
N VAL A 19 4.27 -27.99 -7.66
CA VAL A 19 3.85 -27.45 -8.95
C VAL A 19 3.62 -25.95 -8.75
N VAL A 20 4.41 -25.12 -9.45
CA VAL A 20 4.32 -23.67 -9.41
C VAL A 20 3.54 -23.23 -10.64
N THR A 21 2.41 -22.56 -10.46
CA THR A 21 1.76 -22.00 -11.64
C THR A 21 2.22 -20.56 -11.82
N THR A 22 2.41 -20.15 -13.07
CA THR A 22 2.86 -18.78 -13.35
C THR A 22 2.34 -18.42 -14.74
N ILE A 23 2.72 -17.25 -15.24
CA ILE A 23 2.13 -16.67 -16.44
C ILE A 23 3.22 -16.00 -17.27
N LEU A 24 3.11 -16.09 -18.60
CA LEU A 24 4.06 -15.43 -19.49
C LEU A 24 3.72 -13.94 -19.51
N GLU A 25 4.49 -13.15 -18.79
CA GLU A 25 4.30 -11.70 -18.73
C GLU A 25 5.68 -11.09 -18.55
N SER A 26 6.13 -10.25 -19.47
CA SER A 26 7.50 -9.71 -19.31
C SER A 26 7.50 -8.57 -18.29
N PRO A 27 8.55 -8.46 -17.45
CA PRO A 27 9.78 -9.26 -17.38
C PRO A 27 9.70 -10.34 -16.31
N TYR A 28 8.47 -10.68 -15.89
CA TYR A 28 8.30 -11.64 -14.81
C TYR A 28 8.67 -13.04 -15.24
N VAL A 29 8.08 -13.50 -16.35
CA VAL A 29 8.37 -14.81 -16.87
C VAL A 29 8.36 -14.70 -18.40
N MET A 30 9.44 -15.15 -19.02
CA MET A 30 9.64 -15.07 -20.45
C MET A 30 10.29 -16.38 -20.92
N MET A 31 9.94 -16.83 -22.14
CA MET A 31 10.70 -17.92 -22.75
C MET A 31 12.11 -17.46 -23.08
N LYS A 32 13.13 -18.23 -22.67
CA LYS A 32 14.48 -17.99 -23.19
C LYS A 32 14.48 -18.19 -24.70
N LYS A 33 15.36 -17.46 -25.40
CA LYS A 33 15.46 -17.55 -26.86
C LYS A 33 15.60 -19.00 -27.33
N ASN A 34 16.32 -19.83 -26.59
CA ASN A 34 16.62 -21.18 -27.02
C ASN A 34 15.76 -22.22 -26.31
N HIS A 35 14.53 -21.83 -25.91
CA HIS A 35 13.75 -22.68 -25.01
C HIS A 35 13.47 -24.06 -25.61
N GLU A 36 13.35 -24.19 -26.93
CA GLU A 36 13.07 -25.50 -27.51
C GLU A 36 14.24 -26.47 -27.35
N MET A 37 15.48 -25.98 -27.33
CA MET A 37 16.60 -26.82 -26.96
C MET A 37 16.58 -27.21 -25.49
N LEU A 38 15.82 -26.48 -24.67
CA LEU A 38 15.86 -26.64 -23.23
C LEU A 38 14.61 -27.37 -22.76
N GLU A 39 14.63 -27.76 -21.49
CA GLU A 39 13.49 -28.42 -20.91
C GLU A 39 13.30 -27.99 -19.46
N GLY A 40 12.09 -28.24 -18.96
CA GLY A 40 11.79 -27.95 -17.59
C GLY A 40 11.96 -26.48 -17.26
N ASN A 41 12.39 -26.21 -16.02
CA ASN A 41 12.50 -24.82 -15.56
C ASN A 41 13.48 -24.00 -16.39
N GLU A 42 14.43 -24.64 -17.07
CA GLU A 42 15.46 -23.89 -17.78
C GLU A 42 14.93 -23.23 -19.05
N ARG A 43 13.69 -23.54 -19.47
CA ARG A 43 13.07 -22.87 -20.61
C ARG A 43 12.76 -21.41 -20.33
N TYR A 44 12.67 -21.03 -19.04
CA TYR A 44 12.14 -19.72 -18.68
C TYR A 44 13.15 -18.84 -17.97
N GLU A 45 12.96 -17.54 -18.08
CA GLU A 45 13.77 -16.59 -17.31
C GLU A 45 12.90 -15.42 -16.91
N GLY A 46 13.36 -14.67 -15.90
CA GLY A 46 12.65 -13.48 -15.52
C GLY A 46 12.62 -13.27 -14.01
N TYR A 47 11.99 -12.14 -13.62
CA TYR A 47 11.87 -11.80 -12.22
C TYR A 47 11.21 -12.91 -11.40
N CYS A 48 10.08 -13.46 -11.87
CA CYS A 48 9.43 -14.48 -11.07
C CYS A 48 10.10 -15.84 -11.18
N VAL A 49 10.87 -16.10 -12.24
CA VAL A 49 11.68 -17.31 -12.31
C VAL A 49 12.74 -17.28 -11.23
N ASP A 50 13.46 -16.14 -11.11
CA ASP A 50 14.43 -15.93 -10.05
C ASP A 50 13.79 -16.01 -8.67
N LEU A 51 12.63 -15.40 -8.49
CA LEU A 51 12.00 -15.39 -7.18
C LEU A 51 11.56 -16.78 -6.78
N ALA A 52 11.01 -17.54 -7.72
CA ALA A 52 10.62 -18.92 -7.42
C ALA A 52 11.80 -19.72 -6.91
N ALA A 53 12.97 -19.57 -7.52
CA ALA A 53 14.15 -20.31 -7.08
C ALA A 53 14.51 -19.94 -5.63
N GLU A 54 14.38 -18.65 -5.30
CA GLU A 54 14.73 -18.20 -3.95
C GLU A 54 13.70 -18.68 -2.93
N ILE A 55 12.40 -18.57 -3.26
CA ILE A 55 11.37 -19.12 -2.38
C ILE A 55 11.60 -20.60 -2.15
N ALA A 56 11.87 -21.36 -3.22
CA ALA A 56 12.06 -22.80 -3.09
C ALA A 56 13.25 -23.11 -2.20
N LYS A 57 14.33 -22.32 -2.30
CA LYS A 57 15.50 -22.50 -1.44
C LYS A 57 15.13 -22.29 0.02
N HIS A 58 14.45 -21.17 0.33
CA HIS A 58 14.11 -20.84 1.71
C HIS A 58 13.12 -21.83 2.31
N CYS A 59 12.20 -22.33 1.51
CA CYS A 59 11.21 -23.27 2.03
C CYS A 59 11.69 -24.71 1.94
N GLY A 60 12.75 -24.99 1.17
CA GLY A 60 13.27 -26.33 1.03
C GLY A 60 12.39 -27.28 0.22
N PHE A 61 11.97 -26.87 -0.98
CA PHE A 61 11.28 -27.79 -1.89
C PHE A 61 11.86 -27.76 -3.31
N LYS A 62 11.71 -28.87 -4.01
CA LYS A 62 11.96 -28.96 -5.45
C LYS A 62 10.66 -28.55 -6.14
N TYR A 63 10.77 -27.98 -7.34
CA TYR A 63 9.54 -27.45 -7.95
C TYR A 63 9.61 -27.52 -9.47
N LYS A 64 8.42 -27.49 -10.09
CA LYS A 64 8.31 -27.45 -11.55
C LYS A 64 7.48 -26.23 -11.93
N LEU A 65 8.06 -25.35 -12.75
CA LEU A 65 7.30 -24.21 -13.25
C LEU A 65 6.35 -24.68 -14.36
N THR A 66 5.10 -24.27 -14.27
CA THR A 66 4.13 -24.62 -15.28
C THR A 66 3.33 -23.37 -15.63
N ILE A 67 3.23 -23.08 -16.91
CA ILE A 67 2.51 -21.89 -17.38
C ILE A 67 1.02 -22.16 -17.35
N VAL A 68 0.25 -21.23 -16.78
CA VAL A 68 -1.20 -21.40 -16.66
C VAL A 68 -1.80 -21.60 -18.05
N GLY A 69 -2.66 -22.62 -18.17
CA GLY A 69 -3.14 -23.06 -19.47
C GLY A 69 -3.91 -21.98 -20.20
N ASP A 70 -4.71 -21.20 -19.49
CA ASP A 70 -5.55 -20.20 -20.17
C ASP A 70 -4.92 -18.81 -20.23
N GLY A 71 -3.68 -18.64 -19.74
CA GLY A 71 -3.01 -17.36 -19.77
C GLY A 71 -3.69 -16.29 -18.95
N LYS A 72 -4.47 -16.66 -17.94
CA LYS A 72 -5.22 -15.69 -17.14
C LYS A 72 -4.70 -15.64 -15.68
N TYR A 73 -4.97 -14.50 -15.04
CA TYR A 73 -4.59 -14.30 -13.66
C TYR A 73 -5.56 -15.00 -12.72
N GLY A 74 -6.85 -14.70 -12.84
CA GLY A 74 -7.83 -15.44 -12.11
C GLY A 74 -9.02 -14.62 -11.69
N ALA A 75 -10.19 -15.05 -12.15
CA ALA A 75 -11.44 -14.41 -11.78
C ALA A 75 -12.49 -15.50 -11.85
N ARG A 76 -13.59 -15.22 -11.20
CA ARG A 76 -14.73 -16.12 -11.18
C ARG A 76 -15.54 -15.82 -12.43
N ASP A 77 -15.63 -16.82 -13.33
CA ASP A 77 -16.44 -16.63 -14.53
C ASP A 77 -17.88 -16.40 -14.10
N ALA A 78 -18.39 -15.18 -14.29
CA ALA A 78 -19.70 -14.83 -13.74
C ALA A 78 -20.81 -15.69 -14.31
N ASP A 79 -20.65 -16.16 -15.55
CA ASP A 79 -21.62 -17.11 -16.09
C ASP A 79 -21.57 -18.43 -15.33
N THR A 80 -20.36 -18.97 -15.11
CA THR A 80 -20.24 -20.36 -14.69
C THR A 80 -19.90 -20.56 -13.21
N LYS A 81 -19.53 -19.52 -12.47
CA LYS A 81 -19.14 -19.59 -11.05
C LYS A 81 -17.75 -20.20 -10.85
N ILE A 82 -17.13 -20.65 -11.92
CA ILE A 82 -15.87 -21.38 -11.88
C ILE A 82 -14.74 -20.36 -12.02
N TRP A 83 -13.72 -20.51 -11.18
CA TRP A 83 -12.54 -19.65 -11.23
C TRP A 83 -11.64 -20.05 -12.40
N ASN A 84 -11.11 -19.06 -13.10
CA ASN A 84 -10.16 -19.34 -14.15
C ASN A 84 -8.75 -18.95 -13.73
N GLY A 85 -7.82 -19.07 -14.67
CA GLY A 85 -6.49 -18.52 -14.45
C GLY A 85 -5.70 -19.27 -13.38
N MET A 86 -4.64 -18.62 -12.91
CA MET A 86 -3.81 -19.17 -11.83
C MET A 86 -4.60 -19.39 -10.56
N VAL A 87 -5.52 -18.47 -10.24
CA VAL A 87 -6.37 -18.67 -9.07
C VAL A 87 -7.12 -19.98 -9.18
N GLY A 88 -7.73 -20.26 -10.34
CA GLY A 88 -8.47 -21.50 -10.52
C GLY A 88 -7.58 -22.72 -10.38
N GLU A 89 -6.33 -22.63 -10.87
CA GLU A 89 -5.40 -23.75 -10.74
C GLU A 89 -5.12 -24.05 -9.26
N LEU A 90 -5.03 -23.01 -8.42
CA LEU A 90 -4.87 -23.24 -6.99
C LEU A 90 -6.14 -23.80 -6.36
N VAL A 91 -7.29 -23.17 -6.62
CA VAL A 91 -8.54 -23.58 -5.95
C VAL A 91 -8.88 -25.03 -6.25
N TYR A 92 -8.66 -25.46 -7.49
CA TYR A 92 -9.09 -26.75 -7.96
C TYR A 92 -7.96 -27.78 -7.92
N GLY A 93 -6.90 -27.50 -7.20
CA GLY A 93 -5.93 -28.53 -6.86
C GLY A 93 -4.95 -28.89 -7.95
N LYS A 94 -4.77 -28.06 -8.97
CA LYS A 94 -3.86 -28.41 -10.04
C LYS A 94 -2.45 -27.87 -9.81
N ALA A 95 -2.30 -26.83 -8.97
CA ALA A 95 -1.00 -26.25 -8.67
C ALA A 95 -0.90 -26.01 -7.16
N ASP A 96 0.32 -25.98 -6.65
CA ASP A 96 0.54 -25.85 -5.22
C ASP A 96 0.79 -24.42 -4.80
N ILE A 97 1.26 -23.59 -5.72
CA ILE A 97 1.66 -22.21 -5.43
C ILE A 97 1.67 -21.46 -6.75
N ALA A 98 1.26 -20.18 -6.70
CA ALA A 98 1.33 -19.27 -7.83
C ALA A 98 2.42 -18.24 -7.54
N ILE A 99 3.38 -18.10 -8.45
CA ILE A 99 4.49 -17.15 -8.32
C ILE A 99 4.50 -16.33 -9.60
N ALA A 100 3.90 -15.14 -9.54
CA ALA A 100 3.45 -14.34 -10.70
C ALA A 100 3.10 -12.93 -10.24
N PRO A 101 2.96 -11.96 -11.16
CA PRO A 101 2.45 -10.63 -10.74
C PRO A 101 0.94 -10.66 -10.52
N LEU A 102 0.53 -11.36 -9.46
CA LEU A 102 -0.87 -11.62 -9.14
C LEU A 102 -1.32 -10.68 -8.03
N THR A 103 -2.26 -9.81 -8.38
CA THR A 103 -2.70 -8.78 -7.48
C THR A 103 -3.46 -9.36 -6.29
N ILE A 104 -3.09 -8.92 -5.10
CA ILE A 104 -3.79 -9.24 -3.85
C ILE A 104 -5.11 -8.46 -3.84
N THR A 105 -6.23 -9.18 -3.88
CA THR A 105 -7.55 -8.58 -3.82
C THR A 105 -8.42 -9.37 -2.86
N LEU A 106 -9.39 -8.65 -2.31
CA LEU A 106 -10.35 -9.22 -1.39
C LEU A 106 -11.14 -10.36 -2.03
N VAL A 107 -11.54 -10.21 -3.29
CA VAL A 107 -12.33 -11.30 -3.87
C VAL A 107 -11.47 -12.54 -4.04
N ARG A 108 -10.19 -12.38 -4.36
CA ARG A 108 -9.34 -13.56 -4.42
C ARG A 108 -9.03 -14.11 -3.04
N GLU A 109 -8.85 -13.23 -2.04
CA GLU A 109 -8.55 -13.70 -0.68
C GLU A 109 -9.67 -14.57 -0.11
N GLU A 110 -10.88 -14.49 -0.66
CA GLU A 110 -11.93 -15.38 -0.21
C GLU A 110 -11.66 -16.84 -0.57
N VAL A 111 -10.89 -17.12 -1.63
CA VAL A 111 -10.69 -18.51 -2.07
C VAL A 111 -9.24 -18.98 -2.02
N ILE A 112 -8.25 -18.08 -1.98
CA ILE A 112 -6.85 -18.45 -1.85
C ILE A 112 -6.22 -17.54 -0.80
N ASP A 113 -5.00 -17.92 -0.36
CA ASP A 113 -4.19 -17.13 0.58
C ASP A 113 -3.08 -16.44 -0.19
N PHE A 114 -2.72 -15.23 0.27
CA PHE A 114 -1.57 -14.49 -0.25
C PHE A 114 -0.51 -14.29 0.83
N SER A 115 0.75 -14.28 0.41
CA SER A 115 1.84 -13.83 1.22
C SER A 115 1.75 -12.31 1.42
N LYS A 116 2.59 -11.81 2.30
CA LYS A 116 2.97 -10.39 2.24
C LYS A 116 3.31 -10.04 0.79
N PRO A 117 3.03 -8.81 0.36
CA PRO A 117 3.34 -8.44 -1.02
C PRO A 117 4.82 -8.53 -1.28
N PHE A 118 5.19 -9.05 -2.45
CA PHE A 118 6.60 -9.03 -2.84
C PHE A 118 6.93 -7.86 -3.75
N MET A 119 5.92 -7.17 -4.26
CA MET A 119 6.09 -5.99 -5.07
C MET A 119 4.91 -5.06 -4.82
N SER A 120 5.21 -3.77 -4.64
CA SER A 120 4.18 -2.76 -4.50
C SER A 120 4.07 -1.95 -5.79
N LEU A 121 2.89 -1.43 -6.06
CA LEU A 121 2.65 -0.72 -7.31
C LEU A 121 1.38 0.11 -7.15
N GLY A 122 1.09 0.94 -8.17
CA GLY A 122 -0.13 1.74 -8.20
C GLY A 122 -0.35 2.30 -9.59
N ILE A 123 -1.54 2.86 -9.80
CA ILE A 123 -1.85 3.47 -11.09
C ILE A 123 -0.88 4.61 -11.34
N SER A 124 -0.42 4.73 -12.60
CA SER A 124 0.60 5.70 -12.97
C SER A 124 0.33 6.24 -14.35
N ILE A 125 1.05 7.30 -14.74
CA ILE A 125 0.79 8.00 -16.00
C ILE A 125 1.96 7.76 -16.92
N MET A 126 1.65 7.24 -18.11
CA MET A 126 2.62 7.11 -19.18
C MET A 126 2.36 8.18 -20.23
N ILE A 127 3.40 8.95 -20.56
CA ILE A 127 3.34 9.94 -21.63
C ILE A 127 4.44 9.62 -22.63
N LYS A 128 4.25 10.14 -23.84
CA LYS A 128 5.36 10.22 -24.78
C LYS A 128 6.29 11.34 -24.32
N LYS A 129 7.60 11.11 -24.39
CA LYS A 129 8.55 12.13 -23.94
C LYS A 129 8.27 13.44 -24.67
N GLY A 130 8.34 14.56 -23.94
CA GLY A 130 8.01 15.86 -24.48
C GLY A 130 6.60 16.33 -24.20
N THR A 131 5.74 15.45 -23.73
CA THR A 131 4.38 15.85 -23.43
C THR A 131 4.38 16.76 -22.20
N PRO A 132 3.73 17.93 -22.26
CA PRO A 132 3.69 18.82 -21.08
C PRO A 132 2.66 18.38 -20.04
N ILE A 133 2.92 17.21 -19.45
CA ILE A 133 2.09 16.66 -18.38
C ILE A 133 3.02 16.12 -17.30
N GLU A 134 2.73 16.45 -16.04
CA GLU A 134 3.52 15.99 -14.90
C GLU A 134 2.68 15.24 -13.88
N SER A 135 1.36 15.26 -14.02
CA SER A 135 0.50 14.80 -12.93
C SER A 135 -0.89 14.50 -13.45
N ALA A 136 -1.65 13.75 -12.63
CA ALA A 136 -3.08 13.57 -12.88
C ALA A 136 -3.81 14.90 -12.85
N GLU A 137 -3.40 15.79 -11.95
CA GLU A 137 -4.02 17.12 -11.93
C GLU A 137 -3.88 17.80 -13.28
N ASP A 138 -2.69 17.71 -13.90
CA ASP A 138 -2.48 18.32 -15.21
C ASP A 138 -3.45 17.74 -16.24
N LEU A 139 -3.59 16.41 -16.26
CA LEU A 139 -4.51 15.80 -17.22
C LEU A 139 -5.94 16.28 -16.99
N SER A 140 -6.35 16.34 -15.72
CA SER A 140 -7.75 16.60 -15.39
C SER A 140 -8.19 18.00 -15.83
N LYS A 141 -7.27 18.96 -15.84
CA LYS A 141 -7.61 20.36 -16.12
C LYS A 141 -7.54 20.71 -17.61
N GLN A 142 -7.36 19.73 -18.48
CA GLN A 142 -7.20 20.01 -19.90
C GLN A 142 -7.84 18.89 -20.71
N THR A 143 -7.87 19.09 -22.03
CA THR A 143 -8.46 18.10 -22.94
C THR A 143 -7.72 17.92 -24.26
N GLU A 144 -6.84 18.85 -24.67
CA GLU A 144 -6.13 18.66 -25.93
C GLU A 144 -5.37 17.33 -25.93
N ILE A 145 -4.85 16.92 -24.78
CA ILE A 145 -4.18 15.64 -24.63
C ILE A 145 -5.19 14.67 -24.05
N ALA A 146 -5.66 13.75 -24.88
CA ALA A 146 -6.58 12.71 -24.44
C ALA A 146 -5.86 11.75 -23.50
N TYR A 147 -6.63 11.07 -22.66
CA TYR A 147 -6.04 10.13 -21.72
C TYR A 147 -7.08 9.11 -21.32
N GLY A 148 -6.61 7.90 -21.04
CA GLY A 148 -7.53 6.82 -20.76
C GLY A 148 -6.83 5.63 -20.13
N THR A 149 -7.57 4.53 -20.06
CA THR A 149 -7.17 3.32 -19.34
C THR A 149 -7.54 2.12 -20.20
N LEU A 150 -7.23 0.94 -19.69
CA LEU A 150 -7.83 -0.28 -20.23
C LEU A 150 -9.34 -0.16 -20.24
N ASP A 151 -9.97 -0.78 -21.24
CA ASP A 151 -11.43 -0.73 -21.38
C ASP A 151 -12.15 -1.55 -20.33
N SER A 152 -11.44 -2.36 -19.57
CA SER A 152 -12.00 -3.12 -18.49
C SER A 152 -10.93 -3.25 -17.42
N GLY A 153 -11.31 -3.77 -16.25
CA GLY A 153 -10.34 -4.04 -15.21
C GLY A 153 -10.30 -2.98 -14.13
N SER A 154 -9.35 -3.18 -13.24
CA SER A 154 -9.34 -2.42 -11.98
C SER A 154 -8.90 -0.97 -12.14
N THR A 155 -8.11 -0.65 -13.17
CA THR A 155 -7.72 0.76 -13.32
C THR A 155 -8.92 1.58 -13.75
N LYS A 156 -9.69 1.07 -14.70
CA LYS A 156 -10.93 1.74 -15.06
C LYS A 156 -11.85 1.87 -13.84
N GLU A 157 -11.98 0.79 -13.06
CA GLU A 157 -12.87 0.80 -11.88
C GLU A 157 -12.45 1.83 -10.83
N PHE A 158 -11.14 1.95 -10.57
CA PHE A 158 -10.67 2.95 -9.61
C PHE A 158 -11.23 4.34 -9.96
N PHE A 159 -11.12 4.74 -11.22
CA PHE A 159 -11.65 6.04 -11.61
C PHE A 159 -13.18 6.08 -11.52
N ARG A 160 -13.86 5.03 -11.97
CA ARG A 160 -15.32 5.01 -11.87
C ARG A 160 -15.78 5.25 -10.44
N ARG A 161 -15.11 4.63 -9.47
CA ARG A 161 -15.58 4.66 -8.10
C ARG A 161 -15.00 5.81 -7.28
N SER A 162 -14.00 6.55 -7.78
CA SER A 162 -13.32 7.49 -6.91
C SER A 162 -14.21 8.67 -6.57
N LYS A 163 -14.12 9.09 -5.31
CA LYS A 163 -14.76 10.32 -4.87
C LYS A 163 -13.76 11.43 -4.56
N ILE A 164 -12.46 11.19 -4.81
CA ILE A 164 -11.47 12.25 -4.80
C ILE A 164 -11.71 13.15 -6.02
N ALA A 165 -11.75 14.46 -5.78
CA ALA A 165 -12.18 15.42 -6.80
C ALA A 165 -11.44 15.23 -8.12
N VAL A 166 -10.11 15.16 -8.09
CA VAL A 166 -9.34 15.11 -9.33
C VAL A 166 -9.66 13.86 -10.12
N PHE A 167 -9.71 12.71 -9.44
CA PHE A 167 -9.98 11.45 -10.15
C PHE A 167 -11.42 11.37 -10.63
N ASP A 168 -12.36 11.99 -9.89
CA ASP A 168 -13.73 12.07 -10.42
C ASP A 168 -13.80 12.96 -11.65
N LYS A 169 -13.13 14.12 -11.61
CA LYS A 169 -13.06 14.96 -12.80
C LYS A 169 -12.51 14.15 -13.99
N MET A 170 -11.45 13.36 -13.78
CA MET A 170 -10.88 12.58 -14.87
C MET A 170 -11.84 11.52 -15.38
N TRP A 171 -12.54 10.84 -14.47
CA TRP A 171 -13.53 9.84 -14.89
C TRP A 171 -14.64 10.48 -15.70
N THR A 172 -15.14 11.63 -15.28
CA THR A 172 -16.19 12.29 -16.03
C THR A 172 -15.74 12.56 -17.46
N TYR A 173 -14.48 12.94 -17.66
CA TYR A 173 -13.98 13.18 -19.00
C TYR A 173 -13.87 11.88 -19.78
N MET A 174 -13.27 10.85 -19.17
CA MET A 174 -12.95 9.62 -19.89
C MET A 174 -14.22 8.89 -20.32
N ARG A 175 -15.22 8.82 -19.43
CA ARG A 175 -16.37 7.96 -19.67
C ARG A 175 -17.16 8.41 -20.89
N SER A 176 -17.11 9.69 -21.22
CA SER A 176 -17.92 10.21 -22.31
C SER A 176 -17.06 10.81 -23.42
N ALA A 177 -15.75 10.58 -23.39
CA ALA A 177 -14.86 11.10 -24.42
C ALA A 177 -15.05 10.38 -25.73
N GLU A 178 -14.99 11.14 -26.82
CA GLU A 178 -15.12 10.64 -28.18
C GLU A 178 -14.01 11.28 -29.01
N PRO A 179 -13.26 10.51 -29.81
CA PRO A 179 -13.41 9.05 -29.85
C PRO A 179 -12.92 8.44 -28.54
N SER A 180 -13.32 7.19 -28.30
CA SER A 180 -13.02 6.51 -27.05
C SER A 180 -11.56 6.64 -26.67
N VAL A 181 -11.32 6.94 -25.39
CA VAL A 181 -9.97 6.97 -24.83
C VAL A 181 -9.57 5.65 -24.19
N PHE A 182 -10.47 4.66 -24.18
CA PHE A 182 -10.14 3.36 -23.61
C PHE A 182 -9.48 2.50 -24.68
N VAL A 183 -8.74 1.50 -24.23
CA VAL A 183 -8.02 0.58 -25.10
C VAL A 183 -8.30 -0.83 -24.63
N ARG A 184 -8.18 -1.77 -25.56
CA ARG A 184 -8.52 -3.16 -25.24
C ARG A 184 -7.39 -3.89 -24.54
N THR A 185 -6.14 -3.59 -24.85
CA THR A 185 -4.98 -4.22 -24.22
C THR A 185 -3.93 -3.18 -23.82
N THR A 186 -3.05 -3.58 -22.90
CA THR A 186 -1.91 -2.74 -22.56
C THR A 186 -1.03 -2.44 -23.77
N ALA A 187 -0.78 -3.44 -24.62
CA ALA A 187 0.02 -3.17 -25.81
C ALA A 187 -0.60 -2.05 -26.63
N GLU A 188 -1.93 -2.06 -26.75
CA GLU A 188 -2.63 -1.05 -27.54
C GLU A 188 -2.50 0.32 -26.88
N GLY A 189 -2.58 0.40 -25.55
CA GLY A 189 -2.46 1.69 -24.91
C GLY A 189 -1.07 2.26 -25.08
N VAL A 190 -0.06 1.40 -24.95
CA VAL A 190 1.32 1.84 -25.15
C VAL A 190 1.55 2.29 -26.59
N ALA A 191 1.04 1.54 -27.56
CA ALA A 191 1.20 1.93 -28.96
C ALA A 191 0.51 3.26 -29.25
N ARG A 192 -0.65 3.48 -28.59
CA ARG A 192 -1.37 4.74 -28.78
C ARG A 192 -0.56 5.92 -28.25
N VAL A 193 0.05 5.77 -27.08
CA VAL A 193 0.95 6.82 -26.57
C VAL A 193 2.04 7.12 -27.58
N ARG A 194 2.71 6.06 -28.05
CA ARG A 194 3.87 6.24 -28.93
C ARG A 194 3.49 6.86 -30.27
N LYS A 195 2.33 6.50 -30.82
CA LYS A 195 1.96 6.96 -32.16
C LYS A 195 1.24 8.30 -32.17
N SER A 196 0.85 8.83 -31.01
CA SER A 196 -0.10 9.92 -30.95
C SER A 196 0.57 11.30 -30.83
N LYS A 197 1.88 11.38 -31.04
CA LYS A 197 2.57 12.67 -31.15
C LYS A 197 2.30 13.57 -29.95
N GLY A 198 2.19 12.95 -28.77
CA GLY A 198 2.04 13.69 -27.54
C GLY A 198 0.60 13.96 -27.12
N LYS A 199 -0.38 13.45 -27.86
CA LYS A 199 -1.77 13.82 -27.62
C LYS A 199 -2.57 12.71 -26.94
N TYR A 200 -1.91 11.69 -26.42
CA TYR A 200 -2.56 10.65 -25.64
C TYR A 200 -1.66 10.25 -24.49
N ALA A 201 -2.23 10.18 -23.30
CA ALA A 201 -1.53 9.68 -22.12
C ALA A 201 -2.29 8.46 -21.61
N TYR A 202 -1.55 7.47 -21.10
CA TYR A 202 -2.12 6.16 -20.80
C TYR A 202 -1.93 5.83 -19.33
N LEU A 203 -3.00 5.40 -18.68
CA LEU A 203 -2.98 5.12 -17.25
C LEU A 203 -2.84 3.63 -17.04
N LEU A 204 -1.80 3.20 -16.33
CA LEU A 204 -1.51 1.78 -16.15
C LEU A 204 -0.66 1.58 -14.90
N GLU A 205 -0.43 0.30 -14.57
CA GLU A 205 0.42 -0.09 -13.47
C GLU A 205 1.81 0.53 -13.53
N SER A 206 2.24 1.11 -12.40
CA SER A 206 3.56 1.73 -12.29
C SER A 206 4.67 0.74 -12.70
N THR A 207 4.56 -0.52 -12.29
CA THR A 207 5.55 -1.53 -12.63
C THR A 207 5.70 -1.69 -14.14
N MET A 208 4.58 -1.79 -14.86
CA MET A 208 4.66 -1.92 -16.31
C MET A 208 5.12 -0.61 -16.97
N ASN A 209 4.68 0.52 -16.43
CA ASN A 209 5.11 1.82 -16.92
C ASN A 209 6.64 1.94 -16.80
N GLU A 210 7.18 1.59 -15.63
CA GLU A 210 8.64 1.66 -15.41
C GLU A 210 9.39 0.70 -16.33
N TYR A 211 8.84 -0.48 -16.56
CA TYR A 211 9.46 -1.45 -17.46
C TYR A 211 9.57 -0.90 -18.90
N ILE A 212 8.44 -0.39 -19.43
CA ILE A 212 8.41 0.15 -20.80
C ILE A 212 9.30 1.38 -20.92
N GLU A 213 9.43 2.19 -19.86
CA GLU A 213 10.33 3.33 -19.90
C GLU A 213 11.78 2.89 -20.14
N GLN A 214 12.11 1.63 -19.83
CA GLN A 214 13.45 1.08 -20.09
C GLN A 214 13.50 0.19 -21.33
N ARG A 215 12.51 0.26 -22.22
CA ARG A 215 12.51 -0.51 -23.45
C ARG A 215 12.65 0.44 -24.63
N LYS A 216 13.46 0.03 -25.61
CA LYS A 216 13.52 0.77 -26.85
C LYS A 216 12.12 0.79 -27.48
N PRO A 217 11.75 1.87 -28.18
CA PRO A 217 12.61 3.00 -28.58
C PRO A 217 12.80 4.12 -27.55
N CYS A 218 12.56 3.86 -26.27
CA CYS A 218 12.91 4.81 -25.21
C CYS A 218 12.22 6.14 -25.41
N ASP A 219 10.94 6.10 -25.77
CA ASP A 219 10.18 7.30 -26.09
C ASP A 219 9.02 7.52 -25.14
N THR A 220 8.93 6.75 -24.06
CA THR A 220 7.89 6.94 -23.08
C THR A 220 8.53 7.19 -21.72
N MET A 221 7.71 7.69 -20.83
CA MET A 221 8.13 8.20 -19.54
C MET A 221 6.97 8.08 -18.58
N LYS A 222 7.28 7.70 -17.34
CA LYS A 222 6.36 7.79 -16.22
C LYS A 222 6.50 9.15 -15.55
N VAL A 223 5.38 9.80 -15.28
CA VAL A 223 5.38 11.11 -14.64
C VAL A 223 4.43 11.09 -13.46
N GLY A 224 4.81 11.82 -12.41
CA GLY A 224 3.97 11.99 -11.24
C GLY A 224 4.10 10.84 -10.29
N GLY A 225 3.47 10.99 -9.12
CA GLY A 225 3.43 9.89 -8.17
C GLY A 225 2.32 8.91 -8.50
N ASN A 226 2.43 7.72 -7.94
CA ASN A 226 1.37 6.73 -8.12
C ASN A 226 0.07 7.25 -7.48
N LEU A 227 -1.06 6.90 -8.10
CA LEU A 227 -2.40 7.34 -7.68
C LEU A 227 -3.05 6.47 -6.59
N ASP A 228 -2.67 5.20 -6.50
CA ASP A 228 -3.23 4.31 -5.47
C ASP A 228 -2.17 3.29 -5.05
N CYS A 229 -2.58 2.34 -4.22
CA CYS A 229 -1.70 1.39 -3.55
C CYS A 229 -2.21 -0.03 -3.80
N LYS A 230 -1.40 -0.86 -4.42
CA LYS A 230 -1.72 -2.30 -4.59
C LYS A 230 -0.45 -3.09 -4.40
N GLY A 231 -0.61 -4.41 -4.39
CA GLY A 231 0.53 -5.29 -4.26
C GLY A 231 0.31 -6.60 -4.99
N TYR A 232 1.41 -7.17 -5.45
CA TYR A 232 1.48 -8.53 -5.96
C TYR A 232 1.97 -9.46 -4.84
N GLY A 233 1.34 -10.63 -4.73
CA GLY A 233 1.64 -11.59 -3.70
C GLY A 233 1.78 -12.99 -4.26
N ILE A 234 2.47 -13.84 -3.47
CA ILE A 234 2.57 -15.26 -3.76
C ILE A 234 1.30 -15.91 -3.20
N ALA A 235 0.66 -16.76 -3.99
CA ALA A 235 -0.64 -17.30 -3.61
C ALA A 235 -0.54 -18.81 -3.39
N THR A 236 -1.27 -19.30 -2.41
CA THR A 236 -1.36 -20.72 -2.11
C THR A 236 -2.82 -21.07 -1.89
N PRO A 237 -3.20 -22.34 -2.10
CA PRO A 237 -4.56 -22.75 -1.77
C PRO A 237 -4.78 -22.66 -0.29
N LYS A 238 -6.01 -22.36 0.09
CA LYS A 238 -6.34 -22.38 1.52
C LYS A 238 -6.08 -23.77 2.11
N GLY A 239 -5.51 -23.79 3.31
CA GLY A 239 -5.10 -25.04 3.95
C GLY A 239 -3.74 -25.58 3.53
N SER A 240 -2.99 -24.86 2.70
CA SER A 240 -1.70 -25.34 2.22
C SER A 240 -0.70 -25.47 3.37
N SER A 241 0.06 -26.57 3.36
CA SER A 241 1.18 -26.72 4.29
C SER A 241 2.28 -25.74 4.02
N LEU A 242 2.14 -24.93 2.96
CA LEU A 242 3.20 -24.03 2.53
C LEU A 242 2.98 -22.59 2.87
N GLY A 243 1.74 -22.18 3.17
CA GLY A 243 1.44 -20.76 3.30
C GLY A 243 2.38 -20.05 4.24
N ASN A 244 2.65 -20.65 5.41
CA ASN A 244 3.45 -19.98 6.43
C ASN A 244 4.90 -19.86 6.02
N ALA A 245 5.51 -20.96 5.53
CA ALA A 245 6.88 -20.91 5.08
C ALA A 245 7.05 -19.87 3.97
N VAL A 246 6.08 -19.81 3.05
CA VAL A 246 6.14 -18.88 1.93
C VAL A 246 6.12 -17.45 2.43
N ASN A 247 5.23 -17.16 3.38
CA ASN A 247 5.16 -15.81 3.90
C ASN A 247 6.46 -15.44 4.59
N LEU A 248 7.02 -16.37 5.36
CA LEU A 248 8.29 -16.13 6.03
C LEU A 248 9.39 -15.86 5.01
N ALA A 249 9.41 -16.61 3.91
CA ALA A 249 10.42 -16.41 2.88
C ALA A 249 10.30 -15.02 2.24
N VAL A 250 9.09 -14.56 1.93
CA VAL A 250 8.94 -13.23 1.34
C VAL A 250 9.43 -12.16 2.31
N LEU A 251 9.09 -12.32 3.58
CA LEU A 251 9.53 -11.38 4.60
C LEU A 251 11.04 -11.28 4.62
N LYS A 252 11.71 -12.44 4.66
CA LYS A 252 13.16 -12.47 4.73
C LYS A 252 13.78 -11.95 3.46
N LEU A 253 13.25 -12.33 2.32
CA LEU A 253 13.82 -11.86 1.04
C LEU A 253 13.67 -10.36 0.92
N ASN A 254 12.53 -9.84 1.37
CA ASN A 254 12.35 -8.39 1.39
C ASN A 254 13.36 -7.71 2.31
N GLU A 255 13.50 -8.22 3.53
CA GLU A 255 14.40 -7.64 4.51
C GLU A 255 15.83 -7.67 4.03
N GLN A 256 16.24 -8.73 3.32
CA GLN A 256 17.61 -8.90 2.85
C GLN A 256 17.94 -8.07 1.61
N GLY A 257 16.96 -7.42 0.99
CA GLY A 257 17.17 -6.68 -0.24
C GLY A 257 17.11 -7.50 -1.51
N LEU A 258 16.78 -8.78 -1.40
CA LEU A 258 16.73 -9.62 -2.60
C LEU A 258 15.65 -9.17 -3.57
N LEU A 259 14.47 -8.78 -3.05
CA LEU A 259 13.41 -8.34 -3.95
C LEU A 259 13.83 -7.08 -4.67
N ASP A 260 14.47 -6.15 -3.95
CA ASP A 260 14.96 -4.93 -4.60
C ASP A 260 16.04 -5.25 -5.61
N LYS A 261 16.90 -6.24 -5.31
CA LYS A 261 17.94 -6.62 -6.27
C LYS A 261 17.33 -7.19 -7.54
N LEU A 262 16.28 -8.02 -7.42
CA LEU A 262 15.66 -8.60 -8.60
C LEU A 262 14.93 -7.55 -9.42
N LYS A 263 14.28 -6.58 -8.75
CA LYS A 263 13.65 -5.51 -9.48
C LYS A 263 14.68 -4.73 -10.27
N ASN A 264 15.81 -4.40 -9.65
CA ASN A 264 16.83 -3.68 -10.39
C ASN A 264 17.38 -4.51 -11.54
N LYS A 265 17.55 -5.82 -11.32
CA LYS A 265 18.07 -6.68 -12.38
C LYS A 265 17.20 -6.61 -13.63
N TRP A 266 15.89 -6.85 -13.47
CA TRP A 266 15.03 -7.10 -14.62
C TRP A 266 14.49 -5.82 -15.23
N TRP A 267 14.40 -4.73 -14.47
CA TRP A 267 14.00 -3.42 -14.98
C TRP A 267 15.15 -2.56 -15.48
N TYR A 268 16.29 -2.51 -14.77
CA TYR A 268 17.33 -1.52 -15.01
C TYR A 268 18.64 -2.12 -15.51
N ASP A 269 19.17 -3.16 -14.86
CA ASP A 269 20.38 -3.78 -15.42
C ASP A 269 20.10 -4.30 -16.82
N LYS A 270 18.96 -4.93 -17.01
CA LYS A 270 18.54 -5.45 -18.30
C LYS A 270 17.77 -4.43 -19.13
N GLY A 271 17.69 -3.16 -18.67
CA GLY A 271 17.00 -2.14 -19.42
C GLY A 271 17.81 -1.65 -20.61
N GLU A 272 17.12 -0.98 -21.53
CA GLU A 272 17.69 -0.60 -22.81
C GLU A 272 17.88 0.90 -23.00
N CYS A 273 17.53 1.74 -22.01
CA CYS A 273 17.45 3.17 -22.25
C CYS A 273 18.41 4.00 -21.42
N GLY A 274 19.26 3.37 -20.61
CA GLY A 274 20.22 4.13 -19.82
C GLY A 274 19.55 5.08 -18.85
N LYS B 16 -2.57 -17.68 31.27
CA LYS B 16 -3.56 -17.17 30.33
C LYS B 16 -3.73 -15.66 30.53
N THR B 17 -4.83 -15.13 30.02
CA THR B 17 -5.12 -13.70 29.92
C THR B 17 -4.01 -12.98 29.16
N VAL B 18 -4.35 -12.56 27.98
CA VAL B 18 -3.40 -11.97 27.07
C VAL B 18 -3.19 -10.51 27.46
N VAL B 19 -1.93 -10.09 27.60
CA VAL B 19 -1.67 -8.70 27.92
C VAL B 19 -1.57 -7.95 26.60
N VAL B 20 -2.48 -6.99 26.40
CA VAL B 20 -2.50 -6.16 25.20
C VAL B 20 -1.88 -4.81 25.54
N THR B 21 -0.81 -4.45 24.84
CA THR B 21 -0.26 -3.12 24.96
C THR B 21 -0.84 -2.24 23.86
N THR B 22 -1.14 -0.99 24.20
CA THR B 22 -1.69 -0.02 23.25
C THR B 22 -1.27 1.36 23.72
N ILE B 23 -1.83 2.40 23.10
CA ILE B 23 -1.36 3.76 23.31
C ILE B 23 -2.57 4.70 23.29
N LEU B 24 -2.51 5.75 24.10
CA LEU B 24 -3.57 6.74 24.12
C LEU B 24 -3.40 7.67 22.92
N GLU B 25 -4.22 7.44 21.91
CA GLU B 25 -4.18 8.19 20.66
C GLU B 25 -5.59 8.23 20.11
N SER B 26 -6.16 9.45 19.93
CA SER B 26 -7.54 9.49 19.43
C SER B 26 -7.58 9.27 17.92
N PRO B 27 -8.58 8.54 17.41
CA PRO B 27 -9.71 7.91 18.13
C PRO B 27 -9.48 6.42 18.41
N TYR B 28 -8.21 5.98 18.37
CA TYR B 28 -7.89 4.56 18.54
C TYR B 28 -8.13 4.11 19.98
N VAL B 29 -7.58 4.84 20.94
CA VAL B 29 -7.77 4.53 22.34
C VAL B 29 -7.89 5.84 23.10
N MET B 30 -8.97 5.97 23.90
CA MET B 30 -9.27 7.18 24.66
C MET B 30 -9.84 6.79 26.01
N MET B 31 -9.55 7.59 27.02
CA MET B 31 -10.25 7.46 28.30
C MET B 31 -11.72 7.84 28.14
N LYS B 32 -12.61 6.98 28.62
CA LYS B 32 -14.01 7.38 28.70
C LYS B 32 -14.14 8.57 29.62
N LYS B 33 -15.14 9.40 29.34
CA LYS B 33 -15.36 10.57 30.19
C LYS B 33 -15.44 10.17 31.66
N ASN B 34 -16.01 9.00 31.94
CA ASN B 34 -16.26 8.59 33.32
C ASN B 34 -15.28 7.52 33.80
N HIS B 35 -14.06 7.52 33.26
CA HIS B 35 -13.11 6.45 33.52
C HIS B 35 -12.80 6.30 35.01
N GLU B 36 -12.95 7.39 35.78
CA GLU B 36 -12.61 7.36 37.20
C GLU B 36 -13.52 6.40 37.98
N MET B 37 -14.79 6.32 37.59
CA MET B 37 -15.71 5.34 38.16
C MET B 37 -15.43 3.92 37.69
N LEU B 38 -14.70 3.72 36.60
CA LEU B 38 -14.60 2.43 35.95
C LEU B 38 -13.27 1.77 36.26
N GLU B 39 -13.15 0.49 35.88
CA GLU B 39 -11.91 -0.26 36.05
C GLU B 39 -11.63 -1.19 34.87
N GLY B 40 -10.38 -1.63 34.79
CA GLY B 40 -9.97 -2.58 33.77
C GLY B 40 -10.23 -2.04 32.38
N ASN B 41 -10.55 -2.96 31.47
CA ASN B 41 -10.73 -2.59 30.07
C ASN B 41 -11.82 -1.55 29.88
N GLU B 42 -12.78 -1.44 30.80
CA GLU B 42 -13.92 -0.57 30.58
C GLU B 42 -13.58 0.92 30.73
N ARG B 43 -12.37 1.25 31.19
CA ARG B 43 -11.95 2.65 31.28
C ARG B 43 -11.73 3.29 29.91
N TYR B 44 -11.56 2.49 28.85
CA TYR B 44 -11.11 2.96 27.55
C TYR B 44 -12.19 2.74 26.49
N GLU B 45 -12.12 3.56 25.45
CA GLU B 45 -12.99 3.41 24.29
C GLU B 45 -12.22 3.82 23.04
N GLY B 46 -12.72 3.41 21.89
CA GLY B 46 -12.12 3.78 20.64
C GLY B 46 -12.06 2.67 19.62
N TYR B 47 -11.53 3.00 18.44
CA TYR B 47 -11.40 2.02 17.36
C TYR B 47 -10.58 0.79 17.77
N CYS B 48 -9.43 0.99 18.42
CA CYS B 48 -8.61 -0.17 18.76
C CYS B 48 -9.12 -0.93 19.99
N VAL B 49 -9.87 -0.27 20.85
CA VAL B 49 -10.58 -0.99 21.91
C VAL B 49 -11.60 -1.94 21.31
N ASP B 50 -12.41 -1.44 20.37
CA ASP B 50 -13.37 -2.30 19.68
C ASP B 50 -12.67 -3.39 18.89
N LEU B 51 -11.56 -3.04 18.23
CA LEU B 51 -10.81 -4.05 17.48
C LEU B 51 -10.22 -5.10 18.41
N ALA B 52 -9.66 -4.69 19.55
CA ALA B 52 -9.16 -5.71 20.48
C ALA B 52 -10.26 -6.68 20.89
N ALA B 53 -11.47 -6.17 21.15
CA ALA B 53 -12.58 -7.04 21.53
C ALA B 53 -12.92 -8.03 20.41
N GLU B 54 -12.85 -7.59 19.16
CA GLU B 54 -13.18 -8.47 18.04
C GLU B 54 -12.09 -9.52 17.81
N ILE B 55 -10.83 -9.10 17.85
CA ILE B 55 -9.72 -10.04 17.70
C ILE B 55 -9.80 -11.10 18.78
N ALA B 56 -10.02 -10.66 20.03
CA ALA B 56 -10.05 -11.60 21.15
C ALA B 56 -11.19 -12.59 20.98
N LYS B 57 -12.33 -12.13 20.49
CA LYS B 57 -13.47 -13.01 20.22
C LYS B 57 -13.10 -14.04 19.16
N HIS B 58 -12.53 -13.60 18.04
CA HIS B 58 -12.21 -14.51 16.95
C HIS B 58 -11.11 -15.48 17.34
N CYS B 59 -10.15 -15.05 18.15
CA CYS B 59 -9.10 -15.96 18.56
C CYS B 59 -9.44 -16.75 19.81
N GLY B 60 -10.45 -16.32 20.57
CA GLY B 60 -10.86 -17.01 21.78
C GLY B 60 -9.89 -16.86 22.93
N PHE B 61 -9.52 -15.62 23.28
CA PHE B 61 -8.75 -15.37 24.48
C PHE B 61 -9.38 -14.24 25.29
N LYS B 62 -9.13 -14.26 26.60
CA LYS B 62 -9.41 -13.13 27.49
C LYS B 62 -8.17 -12.25 27.53
N TYR B 63 -8.36 -10.96 27.76
CA TYR B 63 -7.25 -10.03 27.60
C TYR B 63 -7.40 -8.87 28.57
N LYS B 64 -6.28 -8.21 28.84
CA LYS B 64 -6.20 -7.00 29.66
C LYS B 64 -5.53 -5.92 28.83
N LEU B 65 -6.21 -4.79 28.65
CA LEU B 65 -5.63 -3.65 27.96
C LEU B 65 -4.71 -2.87 28.88
N THR B 66 -3.51 -2.54 28.40
CA THR B 66 -2.57 -1.77 29.22
C THR B 66 -1.92 -0.71 28.36
N ILE B 67 -1.87 0.51 28.87
CA ILE B 67 -1.28 1.60 28.12
C ILE B 67 0.23 1.51 28.24
N VAL B 68 0.93 1.60 27.10
CA VAL B 68 2.38 1.47 27.08
C VAL B 68 3.02 2.47 28.03
N GLY B 69 3.97 1.97 28.82
CA GLY B 69 4.49 2.75 29.93
C GLY B 69 5.16 4.04 29.53
N ASP B 70 5.91 4.05 28.42
CA ASP B 70 6.64 5.24 28.05
C ASP B 70 5.91 6.08 27.00
N GLY B 71 4.66 5.73 26.68
CA GLY B 71 3.86 6.44 25.69
C GLY B 71 4.39 6.46 24.26
N LYS B 72 5.23 5.50 23.87
CA LYS B 72 5.87 5.49 22.55
C LYS B 72 5.43 4.31 21.71
N TYR B 73 5.54 4.47 20.38
CA TYR B 73 5.21 3.41 19.44
C TYR B 73 6.30 2.35 19.40
N GLY B 74 7.54 2.76 19.16
CA GLY B 74 8.65 1.82 19.29
C GLY B 74 9.77 2.11 18.32
N ALA B 75 10.96 2.34 18.89
CA ALA B 75 12.16 2.51 18.09
C ALA B 75 13.33 1.98 18.87
N ARG B 76 14.40 1.70 18.15
CA ARG B 76 15.65 1.22 18.73
C ARG B 76 16.48 2.43 19.11
N ASP B 77 16.76 2.59 20.40
CA ASP B 77 17.64 3.69 20.82
C ASP B 77 19.00 3.47 20.16
N ALA B 78 19.35 4.31 19.19
CA ALA B 78 20.54 4.06 18.40
C ALA B 78 21.79 4.03 19.26
N ASP B 79 21.79 4.78 20.35
CA ASP B 79 22.90 4.71 21.30
C ASP B 79 22.95 3.36 22.01
N THR B 80 21.82 2.87 22.50
CA THR B 80 21.83 1.78 23.47
C THR B 80 21.42 0.40 22.92
N LYS B 81 20.88 0.31 21.70
CA LYS B 81 20.34 -0.89 21.06
C LYS B 81 18.99 -1.32 21.61
N ILE B 82 18.48 -0.64 22.63
CA ILE B 82 17.30 -1.11 23.34
C ILE B 82 16.07 -0.50 22.68
N TRP B 83 15.08 -1.35 22.43
CA TRP B 83 13.80 -0.93 21.89
C TRP B 83 12.94 -0.31 22.99
N ASN B 84 12.29 0.81 22.66
CA ASN B 84 11.32 1.44 23.52
C ASN B 84 9.91 1.20 23.01
N GLY B 85 8.92 1.78 23.71
CA GLY B 85 7.55 1.77 23.25
C GLY B 85 6.93 0.37 23.26
N MET B 86 5.80 0.27 22.54
CA MET B 86 5.08 -0.99 22.40
C MET B 86 5.96 -2.05 21.74
N VAL B 87 6.79 -1.64 20.77
CA VAL B 87 7.67 -2.65 20.20
C VAL B 87 8.55 -3.24 21.29
N GLY B 88 9.09 -2.40 22.17
CA GLY B 88 9.96 -2.91 23.22
C GLY B 88 9.23 -3.85 24.15
N GLU B 89 7.98 -3.54 24.45
CA GLU B 89 7.19 -4.36 25.35
C GLU B 89 6.96 -5.75 24.78
N LEU B 90 6.82 -5.84 23.45
CA LEU B 90 6.72 -7.14 22.79
C LEU B 90 8.07 -7.84 22.81
N VAL B 91 9.13 -7.15 22.38
CA VAL B 91 10.45 -7.78 22.23
C VAL B 91 10.94 -8.33 23.57
N TYR B 92 10.68 -7.59 24.64
CA TYR B 92 11.22 -7.96 25.95
C TYR B 92 10.20 -8.66 26.83
N GLY B 93 9.10 -9.15 26.26
CA GLY B 93 8.20 -10.08 26.96
C GLY B 93 7.23 -9.47 27.96
N LYS B 94 7.01 -8.16 27.91
CA LYS B 94 6.10 -7.48 28.83
C LYS B 94 4.65 -7.47 28.34
N ALA B 95 4.43 -7.66 27.05
CA ALA B 95 3.09 -7.73 26.50
C ALA B 95 3.07 -8.84 25.46
N ASP B 96 1.87 -9.38 25.21
CA ASP B 96 1.70 -10.46 24.26
C ASP B 96 1.28 -10.00 22.86
N ILE B 97 0.65 -8.83 22.76
CA ILE B 97 0.14 -8.36 21.48
C ILE B 97 0.01 -6.84 21.61
N ALA B 98 0.31 -6.15 20.53
CA ALA B 98 0.10 -4.71 20.44
C ALA B 98 -1.06 -4.50 19.49
N ILE B 99 -2.07 -3.79 19.96
CA ILE B 99 -3.26 -3.45 19.17
C ILE B 99 -3.39 -1.92 19.23
N ALA B 100 -2.89 -1.25 18.20
CA ALA B 100 -2.64 0.18 18.19
C ALA B 100 -2.40 0.65 16.76
N PRO B 101 -2.43 1.95 16.47
CA PRO B 101 -2.02 2.43 15.13
C PRO B 101 -0.49 2.43 14.95
N LEU B 102 0.01 1.21 14.87
CA LEU B 102 1.42 0.93 14.82
C LEU B 102 1.82 0.61 13.39
N THR B 103 2.68 1.46 12.84
CA THR B 103 3.05 1.37 11.43
C THR B 103 3.90 0.14 11.15
N ILE B 104 3.54 -0.58 10.10
CA ILE B 104 4.32 -1.71 9.64
C ILE B 104 5.55 -1.15 8.95
N THR B 105 6.73 -1.49 9.48
CA THR B 105 7.99 -1.07 8.89
C THR B 105 8.98 -2.22 8.91
N LEU B 106 9.90 -2.15 7.96
CA LEU B 106 10.94 -3.16 7.84
C LEU B 106 11.80 -3.29 9.10
N VAL B 107 12.21 -2.15 9.71
CA VAL B 107 13.09 -2.26 10.89
C VAL B 107 12.33 -2.86 12.06
N ARG B 108 11.03 -2.62 12.18
CA ARG B 108 10.24 -3.31 13.20
C ARG B 108 10.01 -4.78 12.82
N GLU B 109 9.84 -5.10 11.54
CA GLU B 109 9.62 -6.49 11.14
C GLU B 109 10.82 -7.36 11.46
N GLU B 110 11.99 -6.75 11.64
CA GLU B 110 13.16 -7.53 12.00
C GLU B 110 13.05 -8.08 13.42
N VAL B 111 12.31 -7.43 14.31
CA VAL B 111 12.22 -7.85 15.71
C VAL B 111 10.83 -8.28 16.15
N ILE B 112 9.74 -7.91 15.46
CA ILE B 112 8.39 -8.40 15.79
C ILE B 112 7.66 -8.77 14.51
N ASP B 113 6.53 -9.43 14.66
CA ASP B 113 5.70 -9.83 13.53
C ASP B 113 4.49 -8.91 13.46
N PHE B 114 4.04 -8.62 12.25
CA PHE B 114 2.79 -7.90 12.01
C PHE B 114 1.78 -8.78 11.28
N SER B 115 0.51 -8.57 11.62
CA SER B 115 -0.59 -9.05 10.83
C SER B 115 -0.64 -8.32 9.49
N LYS B 116 -1.47 -8.83 8.58
CA LYS B 116 -1.98 -8.04 7.47
C LYS B 116 -2.42 -6.69 8.02
N PRO B 117 -2.25 -5.61 7.27
CA PRO B 117 -2.68 -4.30 7.75
C PRO B 117 -4.17 -4.30 8.08
N PHE B 118 -4.53 -3.70 9.21
CA PHE B 118 -5.93 -3.50 9.52
C PHE B 118 -6.41 -2.11 9.08
N MET B 119 -5.49 -1.21 8.76
CA MET B 119 -5.84 0.12 8.27
C MET B 119 -4.76 0.54 7.28
N SER B 120 -5.18 1.12 6.15
CA SER B 120 -4.27 1.67 5.17
C SER B 120 -4.29 3.18 5.25
N LEU B 121 -3.16 3.79 4.89
CA LEU B 121 -3.01 5.24 5.04
C LEU B 121 -1.85 5.71 4.18
N GLY B 122 -1.72 7.02 4.10
CA GLY B 122 -0.58 7.63 3.42
C GLY B 122 -0.49 9.10 3.77
N ILE B 123 0.65 9.67 3.42
CA ILE B 123 0.86 11.09 3.64
C ILE B 123 -0.20 11.86 2.89
N SER B 124 -0.71 12.92 3.53
CA SER B 124 -1.83 13.68 3.00
C SER B 124 -1.63 15.16 3.37
N ILE B 125 -2.45 15.99 2.77
CA ILE B 125 -2.34 17.44 2.91
C ILE B 125 -3.55 17.94 3.69
N MET B 126 -3.30 18.62 4.79
CA MET B 126 -4.32 19.34 5.55
C MET B 126 -4.22 20.83 5.26
N ILE B 127 -5.35 21.42 4.89
CA ILE B 127 -5.44 22.87 4.69
C ILE B 127 -6.48 23.43 5.62
N LYS B 128 -6.36 24.72 5.89
CA LYS B 128 -7.48 25.44 6.44
C LYS B 128 -8.49 25.64 5.32
N LYS B 129 -9.77 25.44 5.64
CA LYS B 129 -10.80 25.65 4.64
C LYS B 129 -10.67 27.05 4.05
N GLY B 130 -10.87 27.15 2.73
CA GLY B 130 -10.69 28.38 1.98
C GLY B 130 -9.35 28.52 1.30
N THR B 131 -8.38 27.69 1.67
CA THR B 131 -7.05 27.75 1.08
C THR B 131 -7.09 27.23 -0.37
N PRO B 132 -6.58 28.01 -1.37
CA PRO B 132 -6.62 27.59 -2.79
C PRO B 132 -5.54 26.58 -3.14
N ILE B 133 -5.63 25.40 -2.52
CA ILE B 133 -4.70 24.29 -2.78
C ILE B 133 -5.52 23.01 -2.90
N GLU B 134 -5.23 22.23 -3.94
CA GLU B 134 -5.89 20.95 -4.16
C GLU B 134 -4.93 19.78 -4.19
N SER B 135 -3.61 19.99 -4.22
CA SER B 135 -2.67 18.91 -4.52
C SER B 135 -1.25 19.28 -4.08
N ALA B 136 -0.41 18.24 -4.00
CA ALA B 136 1.01 18.46 -3.75
C ALA B 136 1.65 19.29 -4.86
N GLU B 137 1.26 19.04 -6.12
CA GLU B 137 1.77 19.87 -7.20
C GLU B 137 1.43 21.35 -6.96
N ASP B 138 0.21 21.64 -6.51
CA ASP B 138 -0.15 23.03 -6.21
C ASP B 138 0.79 23.65 -5.18
N LEU B 139 1.06 22.92 -4.09
CA LEU B 139 1.97 23.45 -3.08
C LEU B 139 3.34 23.69 -3.67
N SER B 140 3.83 22.74 -4.48
CA SER B 140 5.22 22.77 -4.95
C SER B 140 5.48 23.96 -5.85
N LYS B 141 4.46 24.49 -6.50
CA LYS B 141 4.66 25.53 -7.50
C LYS B 141 4.61 26.94 -6.92
N GLN B 142 4.50 27.09 -5.61
CA GLN B 142 4.29 28.40 -4.99
C GLN B 142 4.97 28.47 -3.63
N THR B 143 4.88 29.64 -3.02
CA THR B 143 5.49 29.90 -1.73
C THR B 143 4.63 30.75 -0.82
N GLU B 144 3.58 31.41 -1.33
CA GLU B 144 2.72 32.23 -0.48
C GLU B 144 2.17 31.41 0.67
N ILE B 145 1.86 30.14 0.41
CA ILE B 145 1.33 29.22 1.40
C ILE B 145 2.49 28.35 1.85
N ALA B 146 2.97 28.55 3.07
CA ALA B 146 4.02 27.69 3.59
C ALA B 146 3.46 26.29 3.84
N TYR B 147 4.34 25.31 3.86
CA TYR B 147 3.91 23.95 4.13
C TYR B 147 5.07 23.13 4.62
N GLY B 148 4.77 22.17 5.49
CA GLY B 148 5.83 21.37 6.09
C GLY B 148 5.25 20.15 6.77
N THR B 149 6.12 19.50 7.54
CA THR B 149 5.87 18.20 8.16
C THR B 149 6.35 18.27 9.61
N LEU B 150 6.14 17.16 10.35
CA LEU B 150 6.84 16.98 11.61
C LEU B 150 8.35 17.13 11.42
N ASP B 151 9.01 17.63 12.46
CA ASP B 151 10.44 17.89 12.45
C ASP B 151 11.28 16.61 12.39
N SER B 152 10.64 15.45 12.61
CA SER B 152 11.30 14.17 12.52
C SER B 152 10.27 13.14 12.08
N GLY B 153 10.73 11.95 11.79
CA GLY B 153 9.83 10.87 11.44
C GLY B 153 9.78 10.60 9.95
N SER B 154 8.87 9.71 9.62
CA SER B 154 8.85 9.09 8.30
C SER B 154 8.32 10.01 7.21
N THR B 155 7.47 11.00 7.54
CA THR B 155 6.97 11.90 6.51
C THR B 155 8.10 12.80 6.01
N LYS B 156 8.87 13.37 6.94
CA LYS B 156 10.05 14.14 6.53
C LYS B 156 11.02 13.27 5.73
N GLU B 157 11.26 12.03 6.16
CA GLU B 157 12.18 11.16 5.44
C GLU B 157 11.69 10.88 4.02
N PHE B 158 10.39 10.67 3.86
CA PHE B 158 9.81 10.45 2.54
C PHE B 158 10.19 11.57 1.59
N PHE B 159 10.02 12.82 2.04
CA PHE B 159 10.39 13.95 1.17
C PHE B 159 11.90 14.01 0.95
N ARG B 160 12.70 13.80 2.00
CA ARG B 160 14.16 13.85 1.85
C ARG B 160 14.66 12.87 0.78
N ARG B 161 14.08 11.65 0.75
CA ARG B 161 14.58 10.57 -0.11
C ARG B 161 13.92 10.49 -1.48
N SER B 162 12.84 11.22 -1.72
CA SER B 162 12.06 10.99 -2.92
C SER B 162 12.80 11.42 -4.18
N LYS B 163 12.69 10.60 -5.22
CA LYS B 163 13.20 10.96 -6.53
C LYS B 163 12.09 11.37 -7.49
N ILE B 164 10.82 11.36 -7.05
CA ILE B 164 9.75 11.91 -7.85
C ILE B 164 9.87 13.43 -7.87
N ALA B 165 9.82 14.00 -9.08
CA ALA B 165 10.16 15.42 -9.27
C ALA B 165 9.39 16.33 -8.30
N VAL B 166 8.08 16.13 -8.20
CA VAL B 166 7.25 17.05 -7.43
C VAL B 166 7.65 17.03 -5.95
N PHE B 167 7.88 15.83 -5.39
CA PHE B 167 8.24 15.73 -3.98
C PHE B 167 9.66 16.22 -3.72
N ASP B 168 10.57 16.02 -4.68
CA ASP B 168 11.92 16.59 -4.58
C ASP B 168 11.86 18.12 -4.56
N LYS B 169 11.05 18.70 -5.44
CA LYS B 169 10.81 20.14 -5.41
C LYS B 169 10.29 20.60 -4.05
N MET B 170 9.31 19.88 -3.50
CA MET B 170 8.77 20.25 -2.19
C MET B 170 9.84 20.14 -1.11
N TRP B 171 10.67 19.10 -1.14
CA TRP B 171 11.75 18.96 -0.16
C TRP B 171 12.75 20.09 -0.29
N THR B 172 13.17 20.39 -1.51
CA THR B 172 14.15 21.47 -1.68
C THR B 172 13.61 22.77 -1.09
N TYR B 173 12.30 23.02 -1.23
CA TYR B 173 11.71 24.20 -0.63
C TYR B 173 11.67 24.09 0.89
N MET B 174 11.17 22.96 1.40
CA MET B 174 10.91 22.85 2.84
C MET B 174 12.21 22.91 3.63
N ARG B 175 13.26 22.26 3.13
CA ARG B 175 14.46 22.08 3.93
C ARG B 175 15.12 23.40 4.27
N SER B 176 14.95 24.42 3.43
CA SER B 176 15.63 25.69 3.62
C SER B 176 14.65 26.86 3.77
N ALA B 177 13.36 26.58 3.96
CA ALA B 177 12.36 27.64 4.11
C ALA B 177 12.53 28.34 5.44
N GLU B 178 12.30 29.66 5.43
CA GLU B 178 12.49 30.53 6.59
C GLU B 178 11.22 31.35 6.81
N PRO B 179 10.64 31.35 8.03
CA PRO B 179 11.01 30.54 9.19
C PRO B 179 10.67 29.08 8.96
N SER B 180 11.20 28.24 9.85
CA SER B 180 11.03 26.80 9.74
C SER B 180 9.57 26.45 9.49
N VAL B 181 9.37 25.56 8.51
CA VAL B 181 8.04 25.02 8.24
C VAL B 181 7.79 23.72 8.98
N PHE B 182 8.76 23.24 9.74
CA PHE B 182 8.58 21.99 10.46
C PHE B 182 8.01 22.26 11.85
N VAL B 183 7.38 21.21 12.41
CA VAL B 183 6.72 21.29 13.71
C VAL B 183 7.19 20.11 14.55
N ARG B 184 7.09 20.28 15.87
CA ARG B 184 7.56 19.25 16.78
C ARG B 184 6.50 18.17 17.00
N THR B 185 5.23 18.56 17.03
CA THR B 185 4.14 17.62 17.27
C THR B 185 3.03 17.87 16.27
N THR B 186 2.20 16.83 16.08
CA THR B 186 1.02 16.96 15.23
C THR B 186 0.07 18.01 15.77
N ALA B 187 -0.10 18.07 17.10
CA ALA B 187 -0.94 19.11 17.68
C ALA B 187 -0.47 20.48 17.21
N GLU B 188 0.86 20.67 17.15
CA GLU B 188 1.43 21.95 16.75
C GLU B 188 1.18 22.22 15.26
N GLY B 189 1.22 21.17 14.43
CA GLY B 189 0.94 21.33 13.02
C GLY B 189 -0.51 21.67 12.75
N VAL B 190 -1.44 21.00 13.44
CA VAL B 190 -2.85 21.30 13.25
C VAL B 190 -3.15 22.72 13.74
N ALA B 191 -2.63 23.08 14.93
CA ALA B 191 -2.86 24.43 15.43
C ALA B 191 -2.25 25.46 14.50
N ARG B 192 -1.10 25.15 13.92
CA ARG B 192 -0.47 26.06 12.96
C ARG B 192 -1.34 26.27 11.74
N VAL B 193 -1.89 25.18 11.18
CA VAL B 193 -2.85 25.32 10.08
C VAL B 193 -4.02 26.21 10.51
N ARG B 194 -4.61 25.92 11.67
CA ARG B 194 -5.80 26.63 12.07
C ARG B 194 -5.51 28.10 12.31
N LYS B 195 -4.34 28.43 12.87
CA LYS B 195 -4.07 29.82 13.24
C LYS B 195 -3.50 30.64 12.08
N SER B 196 -3.18 30.05 10.94
CA SER B 196 -2.43 30.78 9.93
C SER B 196 -3.31 31.40 8.84
N LYS B 197 -4.65 31.39 9.00
CA LYS B 197 -5.57 32.07 8.08
C LYS B 197 -5.37 31.65 6.62
N GLY B 198 -4.98 30.40 6.43
CA GLY B 198 -4.81 29.81 5.12
C GLY B 198 -3.40 29.83 4.56
N LYS B 199 -2.41 30.30 5.31
CA LYS B 199 -1.05 30.42 4.79
C LYS B 199 -0.12 29.34 5.35
N TYR B 200 -0.68 28.29 5.96
CA TYR B 200 0.11 27.10 6.29
C TYR B 200 -0.74 25.89 6.00
N ALA B 201 -0.13 24.93 5.34
CA ALA B 201 -0.67 23.61 5.09
C ALA B 201 0.26 22.58 5.70
N TYR B 202 -0.31 21.50 6.23
CA TYR B 202 0.44 20.54 7.02
C TYR B 202 0.35 19.16 6.37
N LEU B 203 1.49 18.51 6.25
CA LEU B 203 1.56 17.16 5.69
C LEU B 203 1.59 16.14 6.81
N LEU B 204 0.62 15.22 6.79
CA LEU B 204 0.49 14.25 7.87
C LEU B 204 -0.32 13.07 7.35
N GLU B 205 -0.40 12.05 8.20
CA GLU B 205 -1.15 10.82 7.92
C GLU B 205 -2.60 11.11 7.55
N SER B 206 -3.06 10.47 6.48
CA SER B 206 -4.45 10.62 6.02
C SER B 206 -5.47 10.27 7.09
N THR B 207 -5.23 9.19 7.86
CA THR B 207 -6.18 8.80 8.89
C THR B 207 -6.37 9.94 9.90
N MET B 208 -5.27 10.56 10.32
CA MET B 208 -5.38 11.66 11.29
C MET B 208 -5.99 12.89 10.65
N ASN B 209 -5.62 13.18 9.41
CA ASN B 209 -6.22 14.29 8.68
C ASN B 209 -7.72 14.11 8.57
N GLU B 210 -8.17 12.91 8.17
CA GLU B 210 -9.60 12.63 8.03
C GLU B 210 -10.31 12.74 9.37
N TYR B 211 -9.67 12.31 10.45
CA TYR B 211 -10.26 12.41 11.78
C TYR B 211 -10.49 13.86 12.18
N ILE B 212 -9.45 14.70 12.03
CA ILE B 212 -9.52 16.10 12.41
C ILE B 212 -10.54 16.83 11.56
N GLU B 213 -10.71 16.43 10.30
CA GLU B 213 -11.71 17.03 9.44
C GLU B 213 -13.12 16.84 10.01
N GLN B 214 -13.33 15.82 10.83
CA GLN B 214 -14.64 15.61 11.42
C GLN B 214 -14.72 16.12 12.85
N ARG B 215 -13.79 16.99 13.28
CA ARG B 215 -13.80 17.55 14.63
C ARG B 215 -14.03 19.05 14.59
N LYS B 216 -14.81 19.56 15.54
CA LYS B 216 -14.92 21.00 15.68
C LYS B 216 -13.52 21.60 15.91
N PRO B 217 -13.28 22.83 15.45
CA PRO B 217 -14.26 23.76 14.88
C PRO B 217 -14.51 23.55 13.39
N CYS B 218 -14.20 22.36 12.87
CA CYS B 218 -14.61 22.01 11.52
C CYS B 218 -14.03 23.01 10.50
N ASP B 219 -12.77 23.38 10.71
CA ASP B 219 -12.13 24.38 9.87
C ASP B 219 -10.94 23.83 9.09
N THR B 220 -10.73 22.51 9.06
CA THR B 220 -9.62 21.93 8.31
C THR B 220 -10.16 20.90 7.33
N MET B 221 -9.32 20.52 6.37
CA MET B 221 -9.78 19.75 5.24
C MET B 221 -8.61 18.97 4.64
N LYS B 222 -8.87 17.71 4.25
CA LYS B 222 -7.93 16.93 3.43
C LYS B 222 -8.20 17.18 1.95
N VAL B 223 -7.13 17.44 1.19
CA VAL B 223 -7.25 17.71 -0.25
C VAL B 223 -6.28 16.81 -1.01
N GLY B 224 -6.70 16.36 -2.17
CA GLY B 224 -5.86 15.56 -3.02
C GLY B 224 -5.85 14.10 -2.59
N GLY B 225 -5.20 13.28 -3.39
CA GLY B 225 -4.98 11.89 -3.02
C GLY B 225 -3.74 11.72 -2.16
N ASN B 226 -3.65 10.56 -1.49
CA ASN B 226 -2.50 10.26 -0.67
C ASN B 226 -1.23 10.16 -1.51
N LEU B 227 -0.13 10.59 -0.91
CA LEU B 227 1.16 10.61 -1.61
C LEU B 227 1.94 9.31 -1.57
N ASP B 228 1.73 8.46 -0.58
CA ASP B 228 2.43 7.18 -0.51
C ASP B 228 1.48 6.18 0.16
N CYS B 229 2.02 5.03 0.50
CA CYS B 229 1.25 3.87 0.94
C CYS B 229 1.86 3.32 2.21
N LYS B 230 1.09 3.28 3.29
CA LYS B 230 1.54 2.63 4.53
C LYS B 230 0.36 1.88 5.14
N GLY B 231 0.65 1.13 6.20
CA GLY B 231 -0.39 0.40 6.91
C GLY B 231 -0.08 0.27 8.38
N TYR B 232 -1.14 0.18 9.16
CA TYR B 232 -1.06 -0.18 10.57
C TYR B 232 -1.38 -1.66 10.73
N GLY B 233 -0.61 -2.36 11.56
CA GLY B 233 -0.82 -3.76 11.77
C GLY B 233 -0.85 -4.12 13.25
N ILE B 234 -1.45 -5.29 13.53
CA ILE B 234 -1.39 -5.83 14.88
C ILE B 234 -0.07 -6.57 15.02
N ALA B 235 0.60 -6.37 16.16
CA ALA B 235 1.95 -6.89 16.33
C ALA B 235 2.00 -7.91 17.45
N THR B 236 2.82 -8.94 17.24
CA THR B 236 3.08 -9.97 18.23
C THR B 236 4.58 -10.20 18.28
N PRO B 237 5.09 -10.69 19.41
CA PRO B 237 6.51 -11.11 19.44
C PRO B 237 6.76 -12.28 18.50
N LYS B 238 7.98 -12.36 17.98
CA LYS B 238 8.35 -13.48 17.12
C LYS B 238 8.24 -14.81 17.86
N GLY B 239 7.69 -15.82 17.19
CA GLY B 239 7.46 -17.09 17.85
C GLY B 239 6.18 -17.17 18.64
N SER B 240 5.35 -16.14 18.59
CA SER B 240 4.12 -16.14 19.35
C SER B 240 3.16 -17.21 18.86
N SER B 241 2.52 -17.89 19.79
CA SER B 241 1.42 -18.80 19.46
C SER B 241 0.19 -18.06 18.93
N LEU B 242 0.21 -16.72 18.91
CA LEU B 242 -0.97 -15.96 18.53
C LEU B 242 -0.87 -15.38 17.13
N GLY B 243 0.35 -15.32 16.56
CA GLY B 243 0.54 -14.60 15.31
C GLY B 243 -0.42 -15.06 14.23
N ASN B 244 -0.54 -16.39 14.05
CA ASN B 244 -1.34 -16.89 12.94
C ASN B 244 -2.83 -16.64 13.16
N ALA B 245 -3.34 -16.90 14.38
CA ALA B 245 -4.74 -16.65 14.68
C ALA B 245 -5.10 -15.17 14.53
N VAL B 246 -4.20 -14.28 14.97
CA VAL B 246 -4.41 -12.85 14.85
C VAL B 246 -4.50 -12.45 13.38
N ASN B 247 -3.60 -12.97 12.56
CA ASN B 247 -3.61 -12.66 11.14
C ASN B 247 -4.88 -13.14 10.48
N LEU B 248 -5.32 -14.37 10.81
CA LEU B 248 -6.57 -14.89 10.28
C LEU B 248 -7.74 -14.01 10.69
N ALA B 249 -7.73 -13.54 11.94
CA ALA B 249 -8.81 -12.66 12.41
C ALA B 249 -8.81 -11.34 11.65
N VAL B 250 -7.65 -10.70 11.44
CA VAL B 250 -7.70 -9.46 10.67
C VAL B 250 -8.24 -9.73 9.28
N LEU B 251 -7.80 -10.83 8.65
CA LEU B 251 -8.31 -11.16 7.32
C LEU B 251 -9.83 -11.29 7.31
N LYS B 252 -10.35 -12.04 8.27
CA LYS B 252 -11.79 -12.26 8.31
C LYS B 252 -12.53 -10.95 8.60
N LEU B 253 -12.03 -10.15 9.54
CA LEU B 253 -12.73 -8.94 9.92
C LEU B 253 -12.75 -7.96 8.77
N ASN B 254 -11.66 -7.91 7.99
CA ASN B 254 -11.61 -7.10 6.78
C ASN B 254 -12.64 -7.59 5.76
N GLU B 255 -12.64 -8.91 5.50
CA GLU B 255 -13.55 -9.48 4.51
C GLU B 255 -15.01 -9.28 4.89
N GLN B 256 -15.33 -9.37 6.19
CA GLN B 256 -16.68 -9.20 6.69
C GLN B 256 -17.16 -7.76 6.70
N GLY B 257 -16.29 -6.80 6.45
CA GLY B 257 -16.62 -5.39 6.51
C GLY B 257 -16.55 -4.82 7.90
N LEU B 258 -16.13 -5.59 8.89
CA LEU B 258 -16.12 -5.08 10.26
C LEU B 258 -15.12 -3.94 10.40
N LEU B 259 -13.96 -4.06 9.76
CA LEU B 259 -12.97 -2.99 9.89
C LEU B 259 -13.51 -1.70 9.30
N ASP B 260 -14.20 -1.80 8.14
CA ASP B 260 -14.82 -0.61 7.54
C ASP B 260 -15.92 -0.06 8.42
N LYS B 261 -16.66 -0.96 9.08
CA LYS B 261 -17.70 -0.50 9.99
C LYS B 261 -17.10 0.25 11.17
N LEU B 262 -15.99 -0.23 11.73
CA LEU B 262 -15.42 0.47 12.88
C LEU B 262 -14.83 1.80 12.47
N LYS B 263 -14.21 1.86 11.30
CA LYS B 263 -13.68 3.15 10.81
C LYS B 263 -14.81 4.15 10.70
N ASN B 264 -15.93 3.74 10.11
CA ASN B 264 -17.00 4.69 9.96
C ASN B 264 -17.55 5.10 11.33
N LYS B 265 -17.61 4.16 12.28
CA LYS B 265 -18.10 4.49 13.61
C LYS B 265 -17.29 5.61 14.25
N TRP B 266 -15.99 5.45 14.31
CA TRP B 266 -15.18 6.37 15.11
C TRP B 266 -14.77 7.62 14.34
N TRP B 267 -14.76 7.58 13.00
CA TRP B 267 -14.46 8.79 12.24
C TRP B 267 -15.69 9.62 11.90
N TYR B 268 -16.82 8.98 11.55
CA TYR B 268 -17.95 9.66 10.94
C TYR B 268 -19.24 9.59 11.75
N ASP B 269 -19.68 8.42 12.20
CA ASP B 269 -20.85 8.41 13.09
C ASP B 269 -20.60 9.29 14.31
N LYS B 270 -19.40 9.21 14.88
CA LYS B 270 -19.02 10.03 16.03
C LYS B 270 -18.40 11.36 15.62
N GLY B 271 -18.45 11.74 14.34
CA GLY B 271 -17.92 13.01 13.94
C GLY B 271 -18.80 14.17 14.37
N GLU B 272 -18.21 15.37 14.36
CA GLU B 272 -18.83 16.59 14.86
C GLU B 272 -19.15 17.59 13.76
N CYS B 273 -18.92 17.25 12.49
CA CYS B 273 -19.02 18.23 11.42
C CYS B 273 -20.10 17.77 10.43
C01 E2Q C . -3.92 -5.74 -17.21
C02 E2Q C . -4.08 -6.57 -16.14
C03 E2Q C . -2.89 -6.97 -15.40
C04 E2Q C . -3.07 -7.83 -14.28
C05 E2Q C . -1.96 -8.24 -13.54
C06 E2Q C . -0.68 -7.84 -13.84
C07 E2Q C . -0.45 -7.00 -14.90
C08 E2Q C . -1.61 -6.53 -15.74
C09 E2Q C . -1.50 -5.65 -16.88
C10 E2Q C . -2.61 -5.26 -17.55
C19 E2Q C . -3.37 -9.54 -12.00
C21 E2Q C . -4.56 -9.16 -12.79
N14 E2Q C . 0.98 -5.38 -18.61
N15 E2Q C . 0.96 -6.75 -14.92
N18 E2Q C . -2.11 -9.09 -12.37
N23 E2Q C . -4.40 -8.31 -13.90
O12 E2Q C . -0.49 -3.38 -17.53
O13 E2Q C . 0.60 -4.53 -15.99
O16 E2Q C . 1.62 -7.54 -15.36
O17 E2Q C . 1.55 -5.70 -14.30
O20 E2Q C . -3.43 -10.18 -11.06
O22 E2Q C . -5.64 -9.52 -12.48
S11 E2Q C . 0.02 -4.81 -17.33
H011 E2Q C . -4.67 -5.46 -17.70
H021 E2Q C . -4.93 -6.87 -15.88
H061 E2Q C . 0.03 -8.09 -13.29
H101 E2Q C . -2.52 -4.70 -18.27
H141 E2Q C . 1.35 -4.83 -19.16
H142 E2Q C . 1.13 -6.22 -18.69
H181 E2Q C . -1.41 -9.33 -11.93
H231 E2Q C . -5.08 -8.05 -14.35
C01 E2Q D . 3.54 11.06 14.36
C02 E2Q D . 3.80 9.72 14.44
C03 E2Q D . 2.70 8.77 14.42
C04 E2Q D . 3.03 7.37 14.52
C05 E2Q D . 2.01 6.41 14.52
C06 E2Q D . 0.66 6.78 14.41
C07 E2Q D . 0.31 8.10 14.29
C08 E2Q D . 1.38 9.16 14.32
C09 E2Q D . 1.15 10.59 14.23
C10 E2Q D . 2.19 11.47 14.23
C19 E2Q D . 3.68 4.53 14.71
C21 E2Q D . 4.79 5.56 14.74
N14 E2Q D . -0.15 12.61 12.88
N15 E2Q D . -1.12 8.28 14.21
N18 E2Q D . 2.32 4.94 14.60
N23 E2Q D . 4.45 6.96 14.65
O12 E2Q D . -1.18 10.37 12.99
O13 E2Q D . -1.34 11.54 15.17
O16 E2Q D . -1.64 8.56 15.20
O17 E2Q D . -1.88 8.08 13.11
O20 E2Q D . 3.89 3.38 14.78
O22 E2Q D . 5.94 5.26 14.83
S11 E2Q D . -0.44 11.29 13.96
H011 E2Q D . 4.23 11.69 14.36
H021 E2Q D . 4.68 9.42 14.52
H061 E2Q D . 0.01 6.13 14.38
H101 E2Q D . 1.99 12.38 14.17
H141 E2Q D . -0.70 12.77 12.25
H142 E2Q D . 0.57 13.07 12.96
H181 E2Q D . 1.69 4.36 14.60
H231 E2Q D . 5.07 7.56 14.66
#